data_7T8O
#
_entry.id   7T8O
#
_cell.length_a   46.091
_cell.length_b   76.308
_cell.length_c   171.496
_cell.angle_alpha   90.000
_cell.angle_beta   90.000
_cell.angle_gamma   90.000
#
_symmetry.space_group_name_H-M   'P 21 21 21'
#
loop_
_entity.id
_entity.type
_entity.pdbx_description
1 polymer 'Lmo0753 protein'
2 non-polymer 'SULFATE ION'
#
_entity_poly.entity_id   1
_entity_poly.type   'polypeptide(L)'
_entity_poly.pdbx_seq_one_letter_code
;SNA(MSE)NIRTELQNSQLCEGITEAQLTEL(MSE)NKITVKEKHYKNNEILFYTDEVTKVYILVKGNAAIAKNTSSGKR
ILGKNVTEPGELAGEIYYFSHRNPFWDYAIVLEPTTVLEISGIDQGTLQTLDLALQNQLLVNLLKSVTRKFEYIGEKVR
(MSE)VSEDSVRAKISNYLFGIQDDDGSIELTETREEIADYLDITRPSLSRELGR(MSE)QKENIIRIEGSSVIILDAII
FDTFIE
;
_entity_poly.pdbx_strand_id   A,B
#
# COMPACT_ATOMS: atom_id res chain seq x y z
N ASN A 2 -19.96 3.17 -29.09
CA ASN A 2 -21.28 3.79 -29.00
C ASN A 2 -21.82 3.74 -27.57
N ALA A 3 -23.08 4.14 -27.41
CA ALA A 3 -23.68 4.17 -26.07
C ALA A 3 -23.84 2.77 -25.49
N ASN A 5 -21.74 0.30 -26.01
CA ASN A 5 -20.42 -0.21 -25.65
C ASN A 5 -20.05 0.15 -24.22
N ILE A 6 -20.34 1.38 -23.81
CA ILE A 6 -20.06 1.78 -22.43
C ILE A 6 -20.92 1.00 -21.45
N ARG A 7 -22.17 0.69 -21.84
CA ARG A 7 -23.06 -0.05 -20.96
C ARG A 7 -22.52 -1.44 -20.66
N THR A 8 -22.05 -2.15 -21.69
CA THR A 8 -21.59 -3.52 -21.48
C THR A 8 -20.30 -3.56 -20.68
N GLU A 9 -19.49 -2.50 -20.75
CA GLU A 9 -18.25 -2.45 -19.97
C GLU A 9 -18.55 -2.30 -18.49
N LEU A 10 -19.61 -1.57 -18.15
CA LEU A 10 -20.00 -1.39 -16.76
C LEU A 10 -20.67 -2.62 -16.19
N GLN A 11 -21.38 -3.38 -17.03
CA GLN A 11 -22.07 -4.57 -16.53
C GLN A 11 -21.09 -5.67 -16.15
N ASN A 12 -19.90 -5.67 -16.76
CA ASN A 12 -18.88 -6.67 -16.49
C ASN A 12 -17.86 -6.19 -15.46
N SER A 13 -18.05 -5.01 -14.88
CA SER A 13 -17.12 -4.47 -13.91
C SER A 13 -17.43 -4.97 -12.51
N GLN A 14 -16.47 -4.78 -11.61
CA GLN A 14 -16.66 -5.18 -10.22
C GLN A 14 -17.76 -4.36 -9.53
N LEU A 15 -18.07 -3.17 -10.05
CA LEU A 15 -19.07 -2.33 -9.41
C LEU A 15 -20.49 -2.81 -9.66
N CYS A 16 -20.71 -3.65 -10.67
CA CYS A 16 -22.05 -4.03 -11.10
C CYS A 16 -22.19 -5.55 -11.21
N GLU A 17 -21.53 -6.30 -10.34
CA GLU A 17 -21.70 -7.74 -10.31
C GLU A 17 -22.92 -8.11 -9.49
N GLY A 18 -23.73 -9.03 -10.03
CA GLY A 18 -24.93 -9.45 -9.35
C GLY A 18 -26.12 -8.52 -9.49
N ILE A 19 -26.10 -7.62 -10.48
CA ILE A 19 -27.23 -6.75 -10.76
C ILE A 19 -27.84 -7.17 -12.10
N THR A 20 -29.13 -6.94 -12.24
CA THR A 20 -29.86 -7.32 -13.43
C THR A 20 -29.77 -6.23 -14.50
N GLU A 21 -30.25 -6.58 -15.71
CA GLU A 21 -30.24 -5.63 -16.81
C GLU A 21 -31.12 -4.41 -16.51
N ALA A 22 -32.17 -4.59 -15.71
CA ALA A 22 -33.06 -3.49 -15.39
C ALA A 22 -32.43 -2.55 -14.37
N GLN A 23 -31.80 -3.10 -13.33
CA GLN A 23 -31.15 -2.26 -12.33
C GLN A 23 -30.01 -1.44 -12.94
N LEU A 24 -29.42 -1.92 -14.03
CA LEU A 24 -28.34 -1.18 -14.67
C LEU A 24 -28.87 0.08 -15.35
N THR A 25 -30.07 0.01 -15.92
CA THR A 25 -30.64 1.16 -16.62
C THR A 25 -31.00 2.26 -15.63
N GLU A 26 -31.51 1.89 -14.45
CA GLU A 26 -31.87 2.89 -13.45
C GLU A 26 -30.65 3.66 -12.99
N LEU A 27 -29.53 2.96 -12.77
CA LEU A 27 -28.33 3.60 -12.24
C LEU A 27 -27.73 4.58 -13.24
N ASN A 29 -29.05 6.33 -15.41
CA ASN A 29 -29.83 7.55 -15.48
C ASN A 29 -29.46 8.55 -14.39
N LYS A 30 -28.54 8.19 -13.49
CA LYS A 30 -28.14 9.05 -12.40
C LYS A 30 -26.63 9.30 -12.34
N ILE A 31 -25.85 8.70 -13.24
CA ILE A 31 -24.40 8.83 -13.22
C ILE A 31 -23.93 9.20 -14.62
N THR A 32 -22.76 9.83 -14.68
CA THR A 32 -22.10 10.18 -15.94
C THR A 32 -20.89 9.28 -16.10
N VAL A 33 -20.83 8.57 -17.23
CA VAL A 33 -19.76 7.63 -17.52
C VAL A 33 -19.13 8.04 -18.83
N LYS A 34 -17.89 8.52 -18.77
CA LYS A 34 -17.14 8.91 -19.95
C LYS A 34 -15.93 7.99 -20.11
N GLU A 35 -15.63 7.64 -21.37
CA GLU A 35 -14.50 6.79 -21.70
C GLU A 35 -13.33 7.66 -22.14
N LYS A 36 -12.27 7.66 -21.33
CA LYS A 36 -11.08 8.44 -21.63
C LYS A 36 -9.87 7.52 -21.78
N HIS A 37 -9.00 7.86 -22.73
CA HIS A 37 -7.80 7.10 -23.02
C HIS A 37 -6.57 7.87 -22.55
N TYR A 38 -5.57 7.13 -22.09
CA TYR A 38 -4.37 7.72 -21.52
C TYR A 38 -3.14 7.07 -22.15
N LYS A 39 -2.15 7.89 -22.48
CA LYS A 39 -0.90 7.43 -23.08
C LYS A 39 0.11 7.07 -22.00
N ASN A 40 1.26 6.56 -22.42
CA ASN A 40 2.28 6.12 -21.48
C ASN A 40 2.82 7.30 -20.68
N ASN A 41 3.09 7.06 -19.39
CA ASN A 41 3.59 8.03 -18.43
C ASN A 41 2.62 9.17 -18.14
N GLU A 42 1.36 9.04 -18.53
CA GLU A 42 0.39 10.06 -18.15
C GLU A 42 -0.09 9.83 -16.71
N ILE A 43 -0.58 10.89 -16.10
CA ILE A 43 -1.06 10.86 -14.72
C ILE A 43 -2.57 10.65 -14.75
N LEU A 44 -3.03 9.56 -14.13
CA LEU A 44 -4.45 9.26 -14.10
C LEU A 44 -5.17 10.19 -13.13
N PHE A 45 -4.72 10.22 -11.87
CA PHE A 45 -5.29 11.11 -10.86
C PHE A 45 -4.27 11.30 -9.76
N TYR A 46 -4.51 12.31 -8.93
CA TYR A 46 -3.70 12.58 -7.75
C TYR A 46 -4.47 12.16 -6.51
N THR A 47 -3.79 11.46 -5.59
CA THR A 47 -4.44 10.94 -4.39
C THR A 47 -5.06 12.04 -3.55
N ASP A 48 -4.61 13.29 -3.70
CA ASP A 48 -5.19 14.40 -2.97
C ASP A 48 -6.43 14.99 -3.65
N GLU A 49 -6.66 14.64 -4.93
CA GLU A 49 -7.76 15.21 -5.70
C GLU A 49 -8.37 14.12 -6.58
N VAL A 50 -9.10 13.20 -5.95
CA VAL A 50 -9.82 12.15 -6.64
C VAL A 50 -11.29 12.57 -6.67
N THR A 51 -11.73 13.08 -7.82
CA THR A 51 -13.09 13.61 -7.96
C THR A 51 -14.05 12.63 -8.63
N LYS A 52 -13.54 11.58 -9.26
CA LYS A 52 -14.39 10.63 -9.96
C LYS A 52 -13.90 9.21 -9.68
N VAL A 53 -14.80 8.25 -9.85
CA VAL A 53 -14.49 6.83 -9.69
C VAL A 53 -14.00 6.28 -11.02
N TYR A 54 -12.85 5.62 -11.00
CA TYR A 54 -12.21 5.12 -12.21
C TYR A 54 -12.35 3.61 -12.29
N ILE A 55 -12.75 3.12 -13.45
CA ILE A 55 -12.86 1.69 -13.73
C ILE A 55 -11.92 1.37 -14.88
N LEU A 56 -11.10 0.34 -14.71
CA LEU A 56 -10.10 -0.01 -15.71
C LEU A 56 -10.72 -0.88 -16.80
N VAL A 57 -10.47 -0.52 -18.05
CA VAL A 57 -10.93 -1.29 -19.20
C VAL A 57 -9.80 -2.12 -19.81
N LYS A 58 -8.67 -1.48 -20.08
CA LYS A 58 -7.53 -2.15 -20.69
C LYS A 58 -6.30 -1.28 -20.47
N GLY A 59 -5.24 -1.87 -19.94
CA GLY A 59 -4.01 -1.15 -19.71
C GLY A 59 -3.39 -1.52 -18.39
N ASN A 60 -2.58 -0.61 -17.86
CA ASN A 60 -1.84 -0.84 -16.64
C ASN A 60 -1.67 0.49 -15.91
N ALA A 61 -2.09 0.53 -14.64
CA ALA A 61 -2.04 1.74 -13.83
C ALA A 61 -1.50 1.41 -12.46
N ALA A 62 -0.37 2.02 -12.10
CA ALA A 62 0.28 1.79 -10.81
C ALA A 62 0.30 3.07 -10.00
N ILE A 63 0.08 2.94 -8.69
CA ILE A 63 0.19 4.08 -7.79
C ILE A 63 1.67 4.37 -7.56
N ALA A 64 2.02 5.64 -7.42
CA ALA A 64 3.42 6.04 -7.45
C ALA A 64 3.69 7.13 -6.42
N LYS A 65 4.96 7.49 -6.29
CA LYS A 65 5.44 8.50 -5.34
C LYS A 65 6.85 8.90 -5.75
N ASN A 66 7.22 10.15 -5.49
CA ASN A 66 8.54 10.67 -5.79
C ASN A 66 9.27 10.98 -4.48
N THR A 67 10.34 10.25 -4.23
CA THR A 67 11.23 10.59 -3.13
C THR A 67 11.96 11.89 -3.43
N SER A 68 12.47 12.53 -2.38
CA SER A 68 13.16 13.81 -2.50
C SER A 68 14.22 13.78 -3.59
N SER A 69 15.11 12.79 -3.55
CA SER A 69 16.08 12.58 -4.62
C SER A 69 15.78 11.34 -5.45
N GLY A 70 14.83 10.51 -5.03
CA GLY A 70 14.46 9.35 -5.82
C GLY A 70 13.53 9.72 -6.96
N LYS A 71 13.67 9.00 -8.07
CA LYS A 71 12.89 9.28 -9.26
C LYS A 71 11.42 8.94 -9.03
N ARG A 72 11.11 7.66 -8.86
CA ARG A 72 9.72 7.24 -8.69
C ARG A 72 9.69 5.82 -8.15
N ILE A 73 8.88 5.61 -7.11
CA ILE A 73 8.64 4.29 -6.54
C ILE A 73 7.23 3.86 -6.94
N LEU A 74 7.08 2.59 -7.30
CA LEU A 74 5.82 2.06 -7.79
C LEU A 74 5.25 1.05 -6.80
N GLY A 75 4.00 1.25 -6.40
CA GLY A 75 3.29 0.28 -5.61
C GLY A 75 2.67 -0.79 -6.50
N LYS A 76 1.60 -1.40 -6.00
CA LYS A 76 0.90 -2.41 -6.77
C LYS A 76 0.10 -1.76 -7.89
N ASN A 77 0.25 -2.29 -9.10
CA ASN A 77 -0.46 -1.79 -10.26
C ASN A 77 -1.83 -2.47 -10.37
N VAL A 78 -2.63 -1.97 -11.32
CA VAL A 78 -3.95 -2.52 -11.61
C VAL A 78 -4.01 -2.85 -13.09
N THR A 79 -4.17 -4.14 -13.40
CA THR A 79 -4.21 -4.60 -14.77
C THR A 79 -5.50 -5.33 -15.14
N GLU A 80 -6.33 -5.67 -14.17
CA GLU A 80 -7.51 -6.47 -14.46
C GLU A 80 -8.65 -5.58 -14.95
N PRO A 81 -9.29 -5.92 -16.07
CA PRO A 81 -10.43 -5.12 -16.53
C PRO A 81 -11.59 -5.19 -15.56
N GLY A 82 -12.28 -4.06 -15.37
CA GLY A 82 -13.40 -3.97 -14.47
C GLY A 82 -13.05 -3.70 -13.03
N GLU A 83 -11.76 -3.58 -12.70
CA GLU A 83 -11.33 -3.36 -11.34
C GLU A 83 -11.24 -1.87 -11.06
N LEU A 84 -11.82 -1.45 -9.93
CA LEU A 84 -11.79 -0.03 -9.57
C LEU A 84 -10.39 0.37 -9.14
N ALA A 85 -10.01 1.62 -9.45
CA ALA A 85 -8.67 2.12 -9.15
C ALA A 85 -8.79 3.42 -8.36
N GLY A 86 -8.11 3.47 -7.22
CA GLY A 86 -8.10 4.66 -6.40
C GLY A 86 -9.45 5.09 -5.86
N GLU A 87 -10.40 4.16 -5.75
CA GLU A 87 -11.72 4.52 -5.25
C GLU A 87 -11.72 4.76 -3.75
N ILE A 88 -10.67 4.35 -3.04
CA ILE A 88 -10.61 4.59 -1.60
C ILE A 88 -10.35 6.07 -1.31
N TYR A 89 -9.45 6.69 -2.07
CA TYR A 89 -9.20 8.12 -1.92
C TYR A 89 -10.40 8.96 -2.34
N TYR A 90 -11.37 8.37 -3.04
CA TYR A 90 -12.57 9.11 -3.42
C TYR A 90 -13.46 9.39 -2.22
N PHE A 91 -13.42 8.55 -1.20
CA PHE A 91 -14.25 8.70 -0.01
C PHE A 91 -13.51 9.39 1.14
N SER A 92 -12.29 8.95 1.46
CA SER A 92 -11.53 9.56 2.54
C SER A 92 -10.08 9.70 2.13
N HIS A 93 -9.48 10.85 2.46
CA HIS A 93 -8.06 11.04 2.26
C HIS A 93 -7.57 12.04 3.29
N ARG A 94 -6.41 11.76 3.87
CA ARG A 94 -5.84 12.60 4.92
C ARG A 94 -4.40 12.94 4.58
N ASN A 95 -3.51 11.96 4.77
CA ASN A 95 -2.11 12.08 4.35
C ASN A 95 -1.72 10.76 3.71
N PRO A 96 -2.07 10.56 2.44
CA PRO A 96 -1.75 9.29 1.79
C PRO A 96 -0.26 9.18 1.52
N PHE A 97 0.28 7.99 1.76
CA PHE A 97 1.69 7.73 1.46
C PHE A 97 1.99 7.97 -0.01
N TRP A 98 1.11 7.50 -0.89
CA TRP A 98 1.31 7.74 -2.31
C TRP A 98 0.74 9.09 -2.71
N ASP A 99 1.20 9.58 -3.87
CA ASP A 99 0.82 10.90 -4.36
C ASP A 99 -0.07 10.86 -5.58
N TYR A 100 0.06 9.85 -6.45
CA TYR A 100 -0.70 9.78 -7.68
C TYR A 100 -0.64 8.37 -8.24
N ALA A 101 -1.46 8.12 -9.25
CA ALA A 101 -1.46 6.87 -10.00
C ALA A 101 -1.03 7.17 -11.43
N ILE A 102 0.00 6.49 -11.90
CA ILE A 102 0.58 6.74 -13.22
C ILE A 102 0.26 5.56 -14.13
N VAL A 103 0.25 5.84 -15.42
CA VAL A 103 -0.05 4.86 -16.46
C VAL A 103 1.27 4.35 -17.04
N LEU A 104 1.31 3.06 -17.34
CA LEU A 104 2.53 2.42 -17.85
C LEU A 104 2.46 2.02 -19.32
N GLU A 105 1.26 1.92 -19.89
CA GLU A 105 1.10 1.51 -21.28
C GLU A 105 -0.21 2.09 -21.78
N PRO A 106 -0.44 2.07 -23.11
CA PRO A 106 -1.74 2.53 -23.63
C PRO A 106 -2.93 1.97 -22.86
N THR A 107 -3.74 2.86 -22.31
CA THR A 107 -4.75 2.47 -21.34
C THR A 107 -6.06 3.23 -21.56
N THR A 108 -7.17 2.52 -21.36
CA THR A 108 -8.51 3.09 -21.43
C THR A 108 -9.21 2.86 -20.09
N VAL A 109 -9.85 3.91 -19.58
CA VAL A 109 -10.53 3.85 -18.28
C VAL A 109 -11.96 4.37 -18.45
N LEU A 110 -12.72 4.30 -17.35
CA LEU A 110 -14.07 4.84 -17.28
C LEU A 110 -14.18 5.74 -16.07
N GLU A 111 -14.69 6.96 -16.28
CA GLU A 111 -14.90 7.92 -15.20
C GLU A 111 -16.37 7.98 -14.84
N ILE A 112 -16.69 7.62 -13.60
CA ILE A 112 -18.05 7.63 -13.10
C ILE A 112 -18.24 8.87 -12.24
N SER A 113 -19.11 9.76 -12.67
CA SER A 113 -19.41 11.00 -11.96
C SER A 113 -20.77 10.89 -11.29
N GLY A 114 -20.86 11.38 -10.06
CA GLY A 114 -22.10 11.35 -9.32
C GLY A 114 -22.27 10.18 -8.37
N ILE A 115 -21.22 9.38 -8.16
CA ILE A 115 -21.28 8.29 -7.19
C ILE A 115 -21.15 8.88 -5.79
N ASP A 116 -22.27 9.32 -5.22
CA ASP A 116 -22.28 9.86 -3.88
C ASP A 116 -23.63 9.59 -3.26
N GLN A 117 -23.68 9.66 -1.92
CA GLN A 117 -24.91 9.34 -1.20
C GLN A 117 -26.08 10.21 -1.65
N GLY A 118 -25.81 11.49 -1.95
CA GLY A 118 -26.88 12.37 -2.36
C GLY A 118 -27.60 11.91 -3.62
N THR A 119 -26.83 11.49 -4.64
CA THR A 119 -27.44 11.05 -5.88
C THR A 119 -27.97 9.62 -5.77
N LEU A 120 -27.27 8.77 -5.03
CA LEU A 120 -27.66 7.36 -4.93
C LEU A 120 -28.88 7.14 -4.06
N GLN A 121 -29.33 8.17 -3.31
CA GLN A 121 -30.52 7.99 -2.47
C GLN A 121 -31.76 7.74 -3.29
N THR A 122 -31.84 8.30 -4.49
CA THR A 122 -33.01 8.15 -5.34
C THR A 122 -32.89 6.91 -6.24
N LEU A 123 -32.71 5.77 -5.58
CA LEU A 123 -32.54 4.51 -6.28
C LEU A 123 -33.28 3.40 -5.54
N ASP A 124 -33.33 2.23 -6.18
CA ASP A 124 -33.96 1.06 -5.58
C ASP A 124 -33.20 0.62 -4.33
N LEU A 125 -33.97 0.14 -3.35
CA LEU A 125 -33.36 -0.31 -2.09
C LEU A 125 -32.45 -1.51 -2.31
N ALA A 126 -32.92 -2.53 -3.02
CA ALA A 126 -32.10 -3.70 -3.27
C ALA A 126 -30.91 -3.38 -4.16
N LEU A 127 -31.05 -2.38 -5.04
CA LEU A 127 -29.93 -1.96 -5.87
C LEU A 127 -28.84 -1.30 -5.04
N GLN A 128 -29.23 -0.43 -4.11
CA GLN A 128 -28.26 0.26 -3.26
C GLN A 128 -27.49 -0.75 -2.40
N ASN A 129 -28.20 -1.73 -1.84
CA ASN A 129 -27.54 -2.75 -1.03
C ASN A 129 -26.52 -3.53 -1.85
N GLN A 130 -26.83 -3.79 -3.12
CA GLN A 130 -25.92 -4.56 -3.96
C GLN A 130 -24.69 -3.74 -4.34
N LEU A 131 -24.87 -2.44 -4.60
CA LEU A 131 -23.73 -1.60 -4.94
C LEU A 131 -22.80 -1.41 -3.74
N LEU A 132 -23.35 -1.28 -2.54
CA LEU A 132 -22.52 -1.13 -1.35
C LEU A 132 -21.72 -2.39 -1.06
N VAL A 133 -22.28 -3.56 -1.41
CA VAL A 133 -21.53 -4.80 -1.24
C VAL A 133 -20.39 -4.88 -2.24
N ASN A 134 -20.65 -4.49 -3.49
CA ASN A 134 -19.60 -4.49 -4.50
C ASN A 134 -18.48 -3.52 -4.13
N LEU A 135 -18.84 -2.35 -3.60
CA LEU A 135 -17.83 -1.40 -3.16
C LEU A 135 -17.08 -1.93 -1.94
N LEU A 136 -17.79 -2.52 -0.98
CA LEU A 136 -17.15 -3.12 0.18
C LEU A 136 -16.22 -4.25 -0.25
N LYS A 137 -16.64 -5.06 -1.21
CA LYS A 137 -15.77 -6.12 -1.72
C LYS A 137 -14.55 -5.52 -2.41
N SER A 138 -14.72 -4.39 -3.09
CA SER A 138 -13.60 -3.80 -3.82
C SER A 138 -12.60 -3.15 -2.87
N VAL A 139 -13.09 -2.44 -1.84
CA VAL A 139 -12.19 -1.82 -0.88
C VAL A 139 -11.54 -2.89 0.00
N THR A 140 -12.24 -4.00 0.24
CA THR A 140 -11.71 -5.06 1.09
C THR A 140 -10.44 -5.67 0.49
N ARG A 141 -10.44 -5.94 -0.82
CA ARG A 141 -9.31 -6.58 -1.45
C ARG A 141 -8.08 -5.70 -1.52
N LYS A 142 -8.24 -4.37 -1.44
CA LYS A 142 -7.11 -3.46 -1.55
C LYS A 142 -6.33 -3.32 -0.26
N PHE A 143 -6.81 -3.89 0.85
CA PHE A 143 -6.02 -3.90 2.08
C PHE A 143 -4.89 -4.91 2.05
N GLU A 144 -4.88 -5.81 1.06
CA GLU A 144 -3.79 -6.76 0.88
C GLU A 144 -2.62 -6.16 0.11
N TYR A 145 -2.69 -4.88 -0.26
CA TYR A 145 -1.62 -4.29 -1.04
C TYR A 145 -0.48 -3.76 -0.17
N ILE A 146 -0.69 -3.67 1.15
CA ILE A 146 0.32 -3.10 2.03
C ILE A 146 1.55 -4.00 2.15
N GLY A 147 1.42 -5.28 1.83
CA GLY A 147 2.55 -6.19 1.91
C GLY A 147 3.18 -6.49 0.56
N GLU A 148 2.95 -5.61 -0.40
CA GLU A 148 3.49 -5.79 -1.75
C GLU A 148 4.86 -5.15 -1.84
N LYS A 149 5.81 -5.85 -2.47
CA LYS A 149 7.17 -5.34 -2.60
C LYS A 149 7.20 -4.17 -3.57
N VAL A 150 7.84 -3.08 -3.16
CA VAL A 150 7.92 -1.85 -3.93
C VAL A 150 9.21 -1.87 -4.75
N ARG A 151 9.17 -1.22 -5.92
CA ARG A 151 10.31 -1.16 -6.83
C ARG A 151 10.46 0.27 -7.33
N VAL A 153 11.84 2.74 -11.06
CA VAL A 153 11.69 2.83 -12.51
C VAL A 153 13.04 2.50 -13.15
N SER A 154 13.06 1.44 -13.97
CA SER A 154 14.29 1.02 -14.63
C SER A 154 14.71 2.03 -15.69
N GLU A 155 15.94 1.88 -16.16
CA GLU A 155 16.54 2.83 -17.09
C GLU A 155 17.10 2.13 -18.31
N ASP A 156 16.41 1.08 -18.78
CA ASP A 156 16.68 0.36 -20.03
C ASP A 156 18.17 0.06 -20.13
N SER A 157 18.83 0.34 -21.25
CA SER A 157 20.23 0.00 -21.45
C SER A 157 21.11 0.95 -20.63
N VAL A 158 21.83 0.40 -19.66
CA VAL A 158 22.76 1.17 -18.83
C VAL A 158 24.11 0.47 -18.81
N ARG A 159 24.09 -0.87 -18.84
CA ARG A 159 25.34 -1.63 -18.84
C ARG A 159 26.19 -1.30 -20.06
N ALA A 160 25.56 -0.97 -21.18
CA ALA A 160 26.33 -0.55 -22.36
C ALA A 160 26.83 0.88 -22.20
N LYS A 161 26.03 1.75 -21.57
CA LYS A 161 26.46 3.13 -21.38
C LYS A 161 27.58 3.23 -20.36
N ILE A 162 27.58 2.35 -19.34
CA ILE A 162 28.68 2.34 -18.38
C ILE A 162 29.95 1.82 -19.03
N SER A 163 29.83 0.77 -19.84
CA SER A 163 31.02 0.19 -20.47
C SER A 163 31.64 1.14 -21.47
N ASN A 164 30.82 1.93 -22.16
CA ASN A 164 31.34 2.91 -23.10
C ASN A 164 32.10 4.01 -22.39
N TYR A 165 31.61 4.44 -21.22
CA TYR A 165 32.35 5.42 -20.44
C TYR A 165 33.70 4.86 -19.99
N LEU A 166 33.72 3.60 -19.54
CA LEU A 166 34.97 2.97 -19.13
C LEU A 166 35.86 2.62 -20.32
N PHE A 167 35.29 2.49 -21.52
CA PHE A 167 36.13 2.31 -22.70
C PHE A 167 36.85 3.58 -23.09
N GLY A 168 36.22 4.74 -22.85
CA GLY A 168 36.90 6.00 -23.09
C GLY A 168 38.02 6.24 -22.09
N ILE A 169 37.69 6.21 -20.80
CA ILE A 169 38.63 6.52 -19.73
C ILE A 169 39.69 5.42 -19.59
N GLN A 170 39.64 4.43 -20.47
CA GLN A 170 40.56 3.30 -20.44
C GLN A 170 41.93 3.74 -20.96
N ASP A 171 42.97 3.45 -20.19
CA ASP A 171 44.33 3.73 -20.62
C ASP A 171 44.81 2.67 -21.60
N ASP A 172 46.01 2.89 -22.16
CA ASP A 172 46.51 1.98 -23.19
C ASP A 172 46.82 0.60 -22.61
N ASP A 173 47.20 0.53 -21.34
CA ASP A 173 47.52 -0.74 -20.71
C ASP A 173 46.28 -1.53 -20.31
N GLY A 174 45.08 -1.01 -20.54
CA GLY A 174 43.85 -1.69 -20.20
C GLY A 174 43.33 -1.43 -18.81
N SER A 175 43.90 -0.45 -18.11
CA SER A 175 43.52 -0.07 -16.75
C SER A 175 42.66 1.20 -16.75
N ILE A 176 42.00 1.45 -15.63
CA ILE A 176 41.04 2.53 -15.52
C ILE A 176 41.23 3.22 -14.17
N GLU A 177 41.35 4.55 -14.20
CA GLU A 177 41.49 5.37 -13.00
C GLU A 177 40.39 6.42 -13.01
N LEU A 178 39.45 6.30 -12.07
CA LEU A 178 38.32 7.23 -12.04
C LEU A 178 38.76 8.60 -11.54
N THR A 179 38.36 9.64 -12.27
CA THR A 179 38.65 11.01 -11.88
C THR A 179 37.40 11.84 -11.69
N GLU A 180 36.21 11.23 -11.75
CA GLU A 180 34.95 11.93 -11.58
C GLU A 180 34.15 11.27 -10.46
N THR A 181 33.30 12.07 -9.82
CA THR A 181 32.46 11.56 -8.75
C THR A 181 31.25 10.82 -9.33
N ARG A 182 30.50 10.18 -8.44
CA ARG A 182 29.34 9.40 -8.88
C ARG A 182 28.28 10.32 -9.49
N GLU A 183 28.00 11.46 -8.84
CA GLU A 183 27.02 12.39 -9.37
C GLU A 183 27.45 12.96 -10.72
N GLU A 184 28.76 13.15 -10.91
CA GLU A 184 29.26 13.65 -12.20
C GLU A 184 29.09 12.61 -13.30
N ILE A 185 29.39 11.34 -13.00
CA ILE A 185 29.25 10.29 -14.00
C ILE A 185 27.79 10.09 -14.37
N ALA A 186 26.88 10.25 -13.40
CA ALA A 186 25.46 10.08 -13.70
C ALA A 186 24.95 11.16 -14.64
N ASP A 187 25.40 12.41 -14.44
CA ASP A 187 24.95 13.49 -15.32
C ASP A 187 25.51 13.35 -16.72
N TYR A 188 26.75 12.85 -16.84
CA TYR A 188 27.35 12.67 -18.16
C TYR A 188 26.66 11.55 -18.93
N LEU A 189 26.23 10.50 -18.23
CA LEU A 189 25.53 9.39 -18.87
C LEU A 189 24.03 9.65 -19.02
N ASP A 190 23.54 10.77 -18.48
CA ASP A 190 22.11 11.12 -18.55
C ASP A 190 21.25 10.04 -17.90
N ILE A 191 21.64 9.63 -16.69
CA ILE A 191 20.90 8.68 -15.89
C ILE A 191 20.89 9.15 -14.44
N THR A 192 20.17 8.44 -13.60
CA THR A 192 20.09 8.76 -12.18
C THR A 192 21.22 8.10 -11.42
N ARG A 193 21.63 8.73 -10.33
CA ARG A 193 22.71 8.17 -9.53
C ARG A 193 22.36 6.82 -8.90
N PRO A 194 21.16 6.62 -8.34
CA PRO A 194 20.86 5.27 -7.82
C PRO A 194 20.91 4.18 -8.88
N SER A 195 20.50 4.47 -10.12
CA SER A 195 20.56 3.49 -11.20
C SER A 195 21.99 3.29 -11.70
N LEU A 196 22.85 4.28 -11.55
CA LEU A 196 24.26 4.11 -11.92
C LEU A 196 24.96 3.15 -10.96
N SER A 197 24.75 3.34 -9.66
CA SER A 197 25.39 2.49 -8.66
C SER A 197 24.77 1.09 -8.59
N ARG A 198 23.57 0.91 -9.15
CA ARG A 198 22.93 -0.40 -9.16
C ARG A 198 23.55 -1.32 -10.20
N GLU A 199 23.77 -0.82 -11.42
CA GLU A 199 24.38 -1.65 -12.44
C GLU A 199 25.84 -1.96 -12.11
N LEU A 200 26.55 -1.03 -11.47
CA LEU A 200 27.90 -1.33 -11.01
C LEU A 200 27.90 -2.44 -9.98
N GLY A 201 26.81 -2.59 -9.22
CA GLY A 201 26.72 -3.70 -8.29
C GLY A 201 26.57 -5.04 -8.99
N ARG A 202 25.80 -5.07 -10.09
CA ARG A 202 25.67 -6.30 -10.86
C ARG A 202 26.99 -6.67 -11.54
N GLN A 204 29.91 -6.01 -10.53
CA GLN A 204 30.79 -6.56 -9.49
C GLN A 204 30.29 -7.90 -8.99
N LYS A 205 28.98 -8.14 -9.02
CA LYS A 205 28.44 -9.42 -8.57
C LYS A 205 28.88 -10.55 -9.49
N GLU A 206 28.61 -10.41 -10.78
CA GLU A 206 28.95 -11.43 -11.76
C GLU A 206 30.42 -11.44 -12.14
N ASN A 207 31.24 -10.63 -11.45
CA ASN A 207 32.69 -10.61 -11.62
C ASN A 207 33.09 -10.20 -13.04
N ILE A 208 32.71 -8.96 -13.39
CA ILE A 208 33.18 -8.32 -14.61
C ILE A 208 34.18 -7.21 -14.30
N ILE A 209 33.88 -6.38 -13.31
CA ILE A 209 34.76 -5.31 -12.87
C ILE A 209 34.94 -5.41 -11.36
N ARG A 210 35.93 -4.68 -10.85
CA ARG A 210 36.15 -4.58 -9.41
C ARG A 210 36.63 -3.17 -9.11
N ILE A 211 35.83 -2.42 -8.36
CA ILE A 211 36.13 -1.03 -8.05
C ILE A 211 36.92 -1.00 -6.75
N GLU A 212 38.20 -0.66 -6.85
CA GLU A 212 39.10 -0.57 -5.70
C GLU A 212 39.56 0.88 -5.59
N GLY A 213 38.93 1.62 -4.67
CA GLY A 213 39.24 3.03 -4.50
C GLY A 213 38.86 3.84 -5.72
N SER A 214 39.85 4.36 -6.43
CA SER A 214 39.63 5.10 -7.66
C SER A 214 40.01 4.31 -8.90
N SER A 215 40.17 3.00 -8.78
CA SER A 215 40.54 2.13 -9.89
C SER A 215 39.41 1.17 -10.21
N VAL A 216 39.16 0.96 -11.50
CA VAL A 216 38.18 0.00 -11.97
C VAL A 216 38.95 -1.05 -12.76
N ILE A 217 39.16 -2.21 -12.15
CA ILE A 217 39.90 -3.30 -12.78
C ILE A 217 38.94 -4.11 -13.64
N ILE A 218 39.26 -4.25 -14.91
CA ILE A 218 38.43 -5.01 -15.84
C ILE A 218 38.79 -6.49 -15.72
N LEU A 219 37.88 -7.28 -15.15
CA LEU A 219 38.15 -8.71 -14.97
C LEU A 219 37.76 -9.53 -16.19
N ASP A 220 36.74 -9.10 -16.93
CA ASP A 220 36.28 -9.82 -18.12
C ASP A 220 35.88 -8.78 -19.16
N ALA A 221 36.72 -8.59 -20.18
CA ALA A 221 36.45 -7.67 -21.26
C ALA A 221 35.83 -8.35 -22.48
N ILE A 222 35.63 -9.68 -22.42
CA ILE A 222 35.05 -10.39 -23.55
C ILE A 222 33.60 -9.97 -23.75
N ILE A 223 32.80 -10.02 -22.69
CA ILE A 223 31.44 -9.52 -22.77
C ILE A 223 31.43 -8.01 -23.02
N PHE A 224 32.34 -7.30 -22.36
CA PHE A 224 32.48 -5.86 -22.52
C PHE A 224 32.76 -5.45 -23.96
N ASN B 5 -27.74 -0.91 29.39
CA ASN B 5 -26.34 -0.48 29.47
C ASN B 5 -25.64 -0.75 28.14
N ILE B 6 -25.83 -1.96 27.61
CA ILE B 6 -25.29 -2.29 26.30
C ILE B 6 -25.96 -1.47 25.21
N ARG B 7 -27.25 -1.15 25.39
CA ARG B 7 -27.97 -0.37 24.39
C ARG B 7 -27.36 1.01 24.22
N THR B 8 -27.08 1.70 25.32
CA THR B 8 -26.55 3.06 25.23
C THR B 8 -25.12 3.09 24.71
N GLU B 9 -24.38 1.98 24.84
CA GLU B 9 -23.03 1.91 24.28
C GLU B 9 -23.07 1.55 22.79
N LEU B 10 -23.99 0.66 22.41
CA LEU B 10 -24.16 0.34 21.01
C LEU B 10 -24.81 1.49 20.24
N GLN B 11 -25.59 2.33 20.95
CA GLN B 11 -26.24 3.45 20.28
C GLN B 11 -25.23 4.51 19.86
N ASN B 12 -24.21 4.73 20.67
CA ASN B 12 -23.19 5.73 20.38
C ASN B 12 -21.98 5.17 19.65
N SER B 13 -22.06 3.94 19.17
CA SER B 13 -20.95 3.35 18.43
C SER B 13 -20.96 3.84 16.99
N GLN B 14 -19.80 3.74 16.33
CA GLN B 14 -19.70 4.19 14.95
C GLN B 14 -20.48 3.30 13.99
N LEU B 15 -20.92 2.12 14.44
CA LEU B 15 -21.66 1.22 13.57
C LEU B 15 -23.13 1.57 13.50
N CYS B 16 -23.69 2.17 14.55
CA CYS B 16 -25.13 2.41 14.63
C CYS B 16 -25.53 3.87 14.54
N GLU B 17 -24.62 4.81 14.80
CA GLU B 17 -24.99 6.22 14.83
C GLU B 17 -25.58 6.64 13.49
N GLY B 18 -26.82 7.14 13.52
CA GLY B 18 -27.63 7.33 12.34
C GLY B 18 -28.82 6.40 12.25
N ILE B 19 -29.12 5.65 13.30
CA ILE B 19 -30.18 4.66 13.34
C ILE B 19 -31.19 5.06 14.42
N THR B 20 -32.47 4.98 14.09
CA THR B 20 -33.51 5.38 15.02
C THR B 20 -33.63 4.38 16.17
N GLU B 21 -34.42 4.75 17.18
CA GLU B 21 -34.65 3.85 18.30
C GLU B 21 -35.37 2.58 17.86
N ALA B 22 -36.25 2.68 16.85
CA ALA B 22 -36.96 1.51 16.38
C ALA B 22 -36.05 0.59 15.57
N GLN B 23 -35.22 1.16 14.69
CA GLN B 23 -34.28 0.35 13.92
C GLN B 23 -33.25 -0.32 14.82
N LEU B 24 -32.89 0.31 15.93
CA LEU B 24 -31.87 -0.26 16.81
C LEU B 24 -32.40 -1.51 17.51
N THR B 25 -33.66 -1.50 17.93
CA THR B 25 -34.24 -2.67 18.58
C THR B 25 -34.30 -3.85 17.62
N GLU B 26 -34.53 -3.58 16.33
CA GLU B 26 -34.60 -4.66 15.35
C GLU B 26 -33.26 -5.34 15.15
N LEU B 27 -32.16 -4.60 15.35
CA LEU B 27 -30.84 -5.16 15.16
C LEU B 27 -30.47 -6.12 16.30
N ASN B 29 -32.18 -7.86 18.38
CA ASN B 29 -32.95 -9.09 18.43
C ASN B 29 -32.48 -10.13 17.42
N LYS B 30 -31.43 -9.85 16.65
CA LYS B 30 -30.89 -10.78 15.68
C LYS B 30 -29.41 -11.06 15.82
N ILE B 31 -28.68 -10.31 16.65
CA ILE B 31 -27.26 -10.55 16.87
C ILE B 31 -26.98 -10.52 18.36
N THR B 32 -25.96 -11.27 18.77
CA THR B 32 -25.57 -11.36 20.17
C THR B 32 -24.55 -10.27 20.48
N VAL B 33 -24.74 -9.60 21.60
CA VAL B 33 -23.83 -8.54 22.04
C VAL B 33 -23.28 -8.96 23.41
N LYS B 34 -22.13 -9.62 23.40
CA LYS B 34 -21.43 -9.97 24.62
C LYS B 34 -20.51 -8.84 25.04
N GLU B 35 -20.24 -8.78 26.34
CA GLU B 35 -19.30 -7.82 26.92
C GLU B 35 -18.30 -8.60 27.76
N LYS B 36 -17.11 -8.82 27.20
CA LYS B 36 -16.05 -9.57 27.88
C LYS B 36 -14.79 -8.73 27.92
N HIS B 37 -14.11 -8.77 29.06
CA HIS B 37 -12.92 -7.96 29.28
C HIS B 37 -11.66 -8.73 28.89
N TYR B 38 -10.66 -8.00 28.43
CA TYR B 38 -9.38 -8.56 28.00
C TYR B 38 -8.26 -7.99 28.85
N LYS B 39 -7.34 -8.87 29.29
CA LYS B 39 -6.23 -8.45 30.12
C LYS B 39 -5.09 -7.88 29.28
N ASN B 40 -4.13 -7.28 29.97
CA ASN B 40 -3.00 -6.63 29.30
C ASN B 40 -2.21 -7.64 28.49
N ASN B 41 -1.90 -7.28 27.24
CA ASN B 41 -1.10 -8.10 26.34
C ASN B 41 -1.77 -9.45 26.06
N GLU B 42 -3.06 -9.41 25.75
CA GLU B 42 -3.81 -10.60 25.37
C GLU B 42 -4.31 -10.45 23.93
N ILE B 43 -4.35 -11.57 23.22
CA ILE B 43 -4.77 -11.56 21.82
C ILE B 43 -6.27 -11.34 21.74
N LEU B 44 -6.68 -10.33 20.97
CA LEU B 44 -8.12 -10.09 20.77
C LEU B 44 -8.69 -11.04 19.73
N PHE B 45 -8.04 -11.15 18.58
CA PHE B 45 -8.44 -12.10 17.55
C PHE B 45 -7.27 -12.33 16.61
N TYR B 46 -7.32 -13.47 15.94
CA TYR B 46 -6.36 -13.81 14.88
C TYR B 46 -7.02 -13.58 13.53
N THR B 47 -6.26 -13.01 12.59
CA THR B 47 -6.82 -12.60 11.32
C THR B 47 -7.32 -13.76 10.46
N ASP B 48 -6.97 -15.00 10.81
CA ASP B 48 -7.42 -16.14 10.03
C ASP B 48 -8.73 -16.74 10.53
N GLU B 49 -9.10 -16.49 11.79
CA GLU B 49 -10.35 -16.99 12.34
C GLU B 49 -11.21 -15.86 12.87
N VAL B 50 -11.32 -14.78 12.11
CA VAL B 50 -12.18 -13.66 12.47
C VAL B 50 -13.62 -14.02 12.15
N THR B 51 -14.46 -14.09 13.17
CA THR B 51 -15.87 -14.40 12.97
C THR B 51 -16.75 -13.35 13.64
N LYS B 52 -16.23 -12.68 14.66
CA LYS B 52 -16.97 -11.70 15.43
C LYS B 52 -16.35 -10.32 15.25
N VAL B 53 -17.20 -9.30 15.25
CA VAL B 53 -16.76 -7.92 15.18
C VAL B 53 -16.77 -7.33 16.58
N TYR B 54 -15.90 -6.35 16.81
CA TYR B 54 -15.65 -5.83 18.14
C TYR B 54 -15.90 -4.32 18.19
N ILE B 55 -16.50 -3.87 19.30
CA ILE B 55 -16.74 -2.46 19.56
C ILE B 55 -15.94 -2.07 20.80
N LEU B 56 -15.13 -1.03 20.69
CA LEU B 56 -14.29 -0.60 21.79
C LEU B 56 -15.09 0.27 22.76
N VAL B 57 -15.26 -0.21 23.99
CA VAL B 57 -15.88 0.61 25.02
C VAL B 57 -14.86 1.55 25.64
N LYS B 58 -13.73 1.00 26.10
CA LYS B 58 -12.63 1.78 26.65
C LYS B 58 -11.38 0.92 26.79
N GLY B 59 -10.30 1.31 26.13
CA GLY B 59 -9.06 0.55 26.23
C GLY B 59 -8.09 0.93 25.12
N ASN B 60 -7.27 -0.04 24.73
CA ASN B 60 -6.26 0.16 23.70
C ASN B 60 -6.03 -1.17 22.99
N ALA B 61 -6.33 -1.21 21.70
CA ALA B 61 -6.06 -2.38 20.87
C ALA B 61 -5.30 -1.95 19.63
N ALA B 62 -4.53 -2.89 19.07
CA ALA B 62 -3.71 -2.60 17.90
C ALA B 62 -3.41 -3.90 17.18
N ILE B 63 -3.62 -3.92 15.86
CA ILE B 63 -3.24 -5.07 15.06
C ILE B 63 -1.72 -5.16 14.98
N ALA B 64 -1.21 -6.39 14.82
CA ALA B 64 0.21 -6.63 14.88
C ALA B 64 0.60 -7.67 13.84
N LYS B 65 1.90 -7.70 13.54
CA LYS B 65 2.48 -8.69 12.64
C LYS B 65 3.84 -9.10 13.18
N ASN B 66 4.07 -10.40 13.32
CA ASN B 66 5.34 -10.90 13.82
C ASN B 66 6.31 -11.08 12.66
N THR B 67 7.46 -10.44 12.74
CA THR B 67 8.48 -10.51 11.71
C THR B 67 9.48 -11.61 12.03
N SER B 68 10.23 -12.01 11.01
CA SER B 68 11.21 -13.09 11.18
C SER B 68 12.33 -12.66 12.12
N SER B 69 12.69 -11.39 12.13
CA SER B 69 13.75 -10.89 13.00
C SER B 69 13.35 -10.83 14.47
N GLY B 70 12.07 -11.02 14.78
CA GLY B 70 11.59 -11.05 16.15
C GLY B 70 10.80 -9.83 16.56
N LYS B 71 10.94 -8.71 15.84
CA LYS B 71 10.20 -7.50 16.18
C LYS B 71 8.74 -7.64 15.79
N ARG B 72 7.90 -6.88 16.49
CA ARG B 72 6.45 -6.88 16.27
C ARG B 72 6.04 -5.49 15.78
N ILE B 73 5.64 -5.41 14.52
CA ILE B 73 5.18 -4.16 13.94
C ILE B 73 3.74 -3.92 14.35
N LEU B 74 3.48 -2.73 14.90
CA LEU B 74 2.14 -2.34 15.34
C LEU B 74 1.59 -1.27 14.40
N GLY B 75 0.28 -1.34 14.16
CA GLY B 75 -0.42 -0.32 13.42
C GLY B 75 -0.96 0.76 14.34
N LYS B 76 -1.90 1.54 13.82
CA LYS B 76 -2.51 2.59 14.62
C LYS B 76 -3.35 1.97 15.75
N ASN B 77 -3.16 2.48 16.96
CA ASN B 77 -3.85 1.95 18.12
C ASN B 77 -5.28 2.46 18.15
N VAL B 78 -6.24 1.53 18.17
CA VAL B 78 -7.65 1.89 18.28
C VAL B 78 -7.94 2.23 19.74
N THR B 79 -8.08 3.52 20.02
CA THR B 79 -8.31 3.99 21.38
C THR B 79 -9.57 4.82 21.56
N GLU B 80 -10.25 5.19 20.49
CA GLU B 80 -11.46 5.99 20.62
C GLU B 80 -12.64 5.10 20.99
N PRO B 81 -13.37 5.43 22.06
CA PRO B 81 -14.53 4.60 22.43
C PRO B 81 -15.61 4.65 21.36
N GLY B 82 -16.12 3.46 21.02
CA GLY B 82 -17.12 3.34 19.97
C GLY B 82 -16.59 3.06 18.60
N GLU B 83 -15.31 2.71 18.47
CA GLU B 83 -14.68 2.43 17.19
C GLU B 83 -14.68 0.93 16.92
N LEU B 84 -14.70 0.58 15.63
CA LEU B 84 -14.79 -0.81 15.22
C LEU B 84 -13.41 -1.42 15.02
N ALA B 85 -13.28 -2.69 15.38
CA ALA B 85 -12.05 -3.44 15.18
C ALA B 85 -12.38 -4.77 14.52
N GLY B 86 -11.53 -5.19 13.58
CA GLY B 86 -11.75 -6.41 12.84
C GLY B 86 -12.80 -6.32 11.75
N GLU B 87 -13.35 -5.13 11.50
CA GLU B 87 -14.34 -5.00 10.44
C GLU B 87 -13.74 -5.21 9.07
N ILE B 88 -12.41 -5.16 8.95
CA ILE B 88 -11.76 -5.38 7.68
C ILE B 88 -11.93 -6.82 7.22
N TYR B 89 -12.06 -7.76 8.17
CA TYR B 89 -12.15 -9.18 7.87
C TYR B 89 -13.59 -9.68 7.90
N TYR B 90 -14.55 -8.82 7.58
CA TYR B 90 -15.92 -9.28 7.40
C TYR B 90 -16.03 -10.25 6.22
N PHE B 91 -15.28 -9.98 5.15
CA PHE B 91 -15.16 -10.91 4.05
C PHE B 91 -14.01 -11.88 4.32
N SER B 92 -13.78 -12.81 3.37
CA SER B 92 -12.77 -13.84 3.59
C SER B 92 -11.37 -13.25 3.76
N HIS B 93 -11.05 -12.22 2.98
CA HIS B 93 -9.82 -11.44 3.01
C HIS B 93 -8.59 -12.21 2.51
N ARG B 94 -8.73 -13.48 2.16
CA ARG B 94 -7.65 -14.27 1.52
C ARG B 94 -6.44 -14.28 2.44
N ASN B 95 -5.25 -13.92 1.96
CA ASN B 95 -4.04 -13.94 2.78
C ASN B 95 -3.89 -12.60 3.48
N PRO B 96 -4.10 -12.52 4.80
CA PRO B 96 -4.01 -11.22 5.47
C PRO B 96 -2.57 -10.83 5.76
N PHE B 97 -2.26 -9.55 5.54
CA PHE B 97 -0.95 -9.03 5.93
C PHE B 97 -0.79 -9.06 7.44
N TRP B 98 -1.71 -8.42 8.15
CA TRP B 98 -1.66 -8.44 9.61
C TRP B 98 -2.01 -9.82 10.14
N ASP B 99 -1.46 -10.13 11.32
CA ASP B 99 -1.62 -11.46 11.92
C ASP B 99 -2.68 -11.51 13.02
N TYR B 100 -2.64 -10.58 13.97
CA TYR B 100 -3.54 -10.65 15.11
C TYR B 100 -3.72 -9.25 15.68
N ALA B 101 -4.72 -9.12 16.55
CA ALA B 101 -4.98 -7.90 17.30
C ALA B 101 -4.68 -8.17 18.78
N ILE B 102 -3.82 -7.34 19.36
CA ILE B 102 -3.36 -7.52 20.73
C ILE B 102 -3.73 -6.29 21.54
N VAL B 103 -4.20 -6.53 22.77
CA VAL B 103 -4.53 -5.45 23.69
C VAL B 103 -3.27 -4.95 24.36
N LEU B 104 -3.18 -3.63 24.56
CA LEU B 104 -2.03 -3.01 25.21
C LEU B 104 -2.34 -2.43 26.57
N GLU B 105 -3.62 -2.29 26.93
CA GLU B 105 -4.03 -1.84 28.25
C GLU B 105 -5.32 -2.54 28.61
N PRO B 106 -5.64 -2.68 29.92
CA PRO B 106 -6.94 -3.23 30.31
C PRO B 106 -8.10 -2.64 29.50
N THR B 107 -8.79 -3.50 28.75
CA THR B 107 -9.72 -3.07 27.73
C THR B 107 -11.06 -3.77 27.86
N THR B 108 -12.14 -3.02 27.66
CA THR B 108 -13.50 -3.55 27.61
C THR B 108 -14.01 -3.42 26.18
N VAL B 109 -14.58 -4.50 25.66
CA VAL B 109 -15.05 -4.56 24.28
C VAL B 109 -16.51 -5.03 24.27
N LEU B 110 -17.07 -5.08 23.08
CA LEU B 110 -18.41 -5.62 22.84
C LEU B 110 -18.29 -6.68 21.75
N GLU B 111 -18.31 -7.95 22.14
CA GLU B 111 -18.19 -9.06 21.19
C GLU B 111 -19.53 -9.28 20.51
N ILE B 112 -19.72 -8.60 19.38
CA ILE B 112 -20.92 -8.79 18.56
C ILE B 112 -20.76 -10.10 17.79
N SER B 113 -21.67 -11.04 18.03
CA SER B 113 -21.62 -12.36 17.42
C SER B 113 -22.82 -12.52 16.49
N GLY B 114 -22.59 -13.18 15.36
CA GLY B 114 -23.66 -13.43 14.41
C GLY B 114 -23.82 -12.39 13.34
N ILE B 115 -22.77 -11.66 13.00
CA ILE B 115 -22.82 -10.66 11.94
C ILE B 115 -22.11 -11.22 10.71
N ASP B 116 -22.85 -11.39 9.62
CA ASP B 116 -22.33 -11.94 8.37
C ASP B 116 -23.35 -11.63 7.28
N GLN B 117 -23.06 -12.12 6.07
CA GLN B 117 -23.94 -11.87 4.93
C GLN B 117 -25.34 -12.40 5.19
N GLY B 118 -25.45 -13.67 5.59
CA GLY B 118 -26.76 -14.29 5.71
C GLY B 118 -27.64 -13.66 6.78
N THR B 119 -27.04 -13.34 7.93
CA THR B 119 -27.82 -12.78 9.04
C THR B 119 -28.34 -11.39 8.69
N LEU B 120 -27.49 -10.56 8.08
CA LEU B 120 -27.93 -9.25 7.62
C LEU B 120 -29.01 -9.37 6.57
N GLN B 121 -29.00 -10.45 5.79
CA GLN B 121 -30.01 -10.64 4.75
C GLN B 121 -31.41 -10.85 5.30
N THR B 122 -31.55 -10.95 6.62
CA THR B 122 -32.85 -11.14 7.26
C THR B 122 -33.32 -9.87 7.97
N LEU B 123 -32.84 -8.72 7.53
CA LEU B 123 -33.15 -7.44 8.18
C LEU B 123 -33.80 -6.50 7.17
N ASP B 124 -34.25 -5.36 7.68
CA ASP B 124 -34.86 -4.33 6.84
C ASP B 124 -33.86 -3.85 5.80
N LEU B 125 -34.32 -3.75 4.55
CA LEU B 125 -33.43 -3.32 3.47
C LEU B 125 -32.93 -1.90 3.69
N ALA B 126 -33.71 -1.06 4.37
CA ALA B 126 -33.24 0.26 4.77
C ALA B 126 -32.29 0.21 5.95
N LEU B 127 -32.36 -0.84 6.77
CA LEU B 127 -31.43 -1.01 7.88
C LEU B 127 -30.10 -1.58 7.41
N GLN B 128 -30.13 -2.53 6.46
CA GLN B 128 -28.90 -3.05 5.89
C GLN B 128 -28.08 -1.93 5.25
N ASN B 129 -28.75 -1.06 4.49
CA ASN B 129 -28.06 0.04 3.83
C ASN B 129 -27.34 0.93 4.83
N GLN B 130 -28.00 1.23 5.95
CA GLN B 130 -27.37 2.10 6.95
C GLN B 130 -26.16 1.44 7.59
N LEU B 131 -26.17 0.11 7.71
CA LEU B 131 -25.00 -0.59 8.23
C LEU B 131 -23.87 -0.62 7.19
N LEU B 132 -24.22 -0.83 5.92
CA LEU B 132 -23.19 -0.87 4.88
C LEU B 132 -22.57 0.50 4.66
N VAL B 133 -23.30 1.57 4.93
CA VAL B 133 -22.73 2.90 4.82
C VAL B 133 -21.79 3.18 5.99
N ASN B 134 -22.22 2.85 7.20
CA ASN B 134 -21.35 3.04 8.37
C ASN B 134 -20.15 2.11 8.31
N LEU B 135 -20.31 0.90 7.76
CA LEU B 135 -19.17 0.01 7.60
C LEU B 135 -18.19 0.53 6.56
N LEU B 136 -18.71 1.01 5.43
CA LEU B 136 -17.84 1.54 4.38
C LEU B 136 -17.05 2.74 4.89
N LYS B 137 -17.68 3.60 5.67
CA LYS B 137 -16.98 4.74 6.25
C LYS B 137 -15.90 4.28 7.22
N SER B 138 -16.25 3.36 8.13
CA SER B 138 -15.29 2.88 9.11
C SER B 138 -14.09 2.21 8.45
N VAL B 139 -14.33 1.48 7.35
CA VAL B 139 -13.24 0.81 6.66
C VAL B 139 -12.37 1.80 5.92
N THR B 140 -12.97 2.83 5.32
CA THR B 140 -12.21 3.74 4.47
C THR B 140 -11.28 4.64 5.28
N ARG B 141 -11.73 5.09 6.45
CA ARG B 141 -10.92 6.04 7.22
C ARG B 141 -9.74 5.38 7.91
N LYS B 142 -9.64 4.06 7.88
CA LYS B 142 -8.49 3.36 8.45
C LYS B 142 -7.58 2.75 7.41
N PHE B 143 -7.92 2.89 6.12
CA PHE B 143 -7.04 2.39 5.06
C PHE B 143 -5.72 3.16 5.03
N GLU B 144 -5.71 4.40 5.52
CA GLU B 144 -4.51 5.23 5.42
C GLU B 144 -3.36 4.67 6.23
N TYR B 145 -3.65 4.01 7.35
N TYR B 145 -3.65 4.01 7.35
CA TYR B 145 -2.62 3.52 8.26
CA TYR B 145 -2.62 3.51 8.25
C TYR B 145 -2.72 2.02 8.53
C TYR B 145 -2.72 2.02 8.53
N ILE B 146 -3.52 1.29 7.75
CA ILE B 146 -3.67 -0.16 7.94
C ILE B 146 -3.59 -0.85 6.59
N GLY B 147 -4.02 -0.16 5.54
CA GLY B 147 -4.11 -0.77 4.22
C GLY B 147 -3.16 -0.21 3.18
N GLU B 148 -2.85 1.09 3.27
CA GLU B 148 -2.03 1.73 2.25
C GLU B 148 -0.58 1.31 2.36
N LYS B 149 0.12 1.81 3.37
CA LYS B 149 1.53 1.50 3.55
C LYS B 149 1.92 1.84 4.98
N VAL B 150 2.60 0.90 5.63
CA VAL B 150 3.04 1.07 7.01
C VAL B 150 4.45 1.66 7.00
N ARG B 151 4.65 2.71 7.79
CA ARG B 151 5.93 3.40 7.87
C ARG B 151 6.31 3.58 9.32
N VAL B 153 9.73 4.92 10.40
CA VAL B 153 10.59 6.07 10.56
C VAL B 153 10.11 7.20 9.66
N SER B 154 10.71 8.37 9.81
CA SER B 154 10.37 9.55 9.02
C SER B 154 11.31 9.64 7.81
N GLU B 155 10.95 10.54 6.90
CA GLU B 155 11.75 10.71 5.69
C GLU B 155 13.13 11.31 5.97
N ASP B 156 13.31 11.94 7.14
CA ASP B 156 14.57 12.59 7.47
C ASP B 156 15.43 11.80 8.45
N SER B 157 14.90 10.74 9.04
CA SER B 157 15.66 9.99 10.02
C SER B 157 16.86 9.30 9.37
N VAL B 158 17.87 9.01 10.20
CA VAL B 158 19.08 8.37 9.69
C VAL B 158 18.77 6.96 9.20
N ARG B 159 17.86 6.26 9.89
CA ARG B 159 17.56 4.88 9.52
C ARG B 159 16.90 4.79 8.15
N ALA B 160 16.03 5.75 7.83
CA ALA B 160 15.38 5.76 6.52
C ALA B 160 16.31 6.24 5.42
N LYS B 161 17.24 7.13 5.74
CA LYS B 161 18.17 7.63 4.72
C LYS B 161 19.03 6.51 4.17
N ILE B 162 19.45 5.58 5.03
CA ILE B 162 20.24 4.44 4.58
C ILE B 162 19.36 3.41 3.88
N SER B 163 18.14 3.21 4.40
CA SER B 163 17.25 2.22 3.81
C SER B 163 16.84 2.63 2.40
N ASN B 164 16.64 3.93 2.18
CA ASN B 164 16.35 4.42 0.83
C ASN B 164 17.57 4.32 -0.08
N TYR B 165 18.77 4.47 0.48
CA TYR B 165 19.98 4.29 -0.31
C TYR B 165 20.20 2.83 -0.68
N LEU B 166 20.10 1.94 0.31
CA LEU B 166 20.26 0.51 0.05
C LEU B 166 19.17 0.00 -0.88
N PHE B 167 17.98 0.59 -0.83
CA PHE B 167 16.90 0.16 -1.72
C PHE B 167 17.17 0.59 -3.15
N GLY B 168 17.74 1.77 -3.35
CA GLY B 168 18.03 2.27 -4.69
C GLY B 168 19.08 1.48 -5.44
N ILE B 169 19.85 0.65 -4.75
CA ILE B 169 20.89 -0.15 -5.39
C ILE B 169 20.62 -1.64 -5.12
N GLN B 170 19.35 -2.00 -4.97
CA GLN B 170 18.96 -3.37 -4.72
C GLN B 170 18.55 -4.03 -6.03
N ASP B 171 19.08 -5.22 -6.30
CA ASP B 171 18.77 -5.94 -7.53
C ASP B 171 17.35 -6.48 -7.48
N ASP B 172 16.92 -7.04 -8.61
CA ASP B 172 15.58 -7.60 -8.70
C ASP B 172 15.41 -8.85 -7.86
N ASP B 173 16.51 -9.55 -7.56
CA ASP B 173 16.45 -10.74 -6.71
C ASP B 173 16.63 -10.42 -5.24
N GLY B 174 16.98 -9.19 -4.89
CA GLY B 174 17.15 -8.76 -3.52
C GLY B 174 18.58 -8.56 -3.09
N SER B 175 19.56 -8.93 -3.91
CA SER B 175 20.96 -8.81 -3.53
C SER B 175 21.44 -7.38 -3.65
N ILE B 176 22.42 -7.03 -2.82
CA ILE B 176 23.00 -5.69 -2.78
C ILE B 176 24.51 -5.80 -2.88
N GLU B 177 25.12 -4.94 -3.68
CA GLU B 177 26.57 -4.91 -3.87
C GLU B 177 27.06 -3.48 -3.75
N LEU B 178 27.89 -3.22 -2.73
CA LEU B 178 28.38 -1.87 -2.48
C LEU B 178 29.56 -1.55 -3.38
N THR B 179 29.51 -0.39 -4.03
CA THR B 179 30.62 0.11 -4.84
C THR B 179 31.12 1.47 -4.35
N GLU B 180 30.66 1.92 -3.19
CA GLU B 180 31.08 3.19 -2.62
C GLU B 180 31.61 2.97 -1.21
N THR B 181 32.37 3.96 -0.72
CA THR B 181 32.99 3.86 0.59
C THR B 181 32.07 4.48 1.66
N ARG B 182 32.45 4.26 2.92
CA ARG B 182 31.66 4.81 4.03
C ARG B 182 31.60 6.33 3.96
N GLU B 183 32.67 6.97 3.50
CA GLU B 183 32.68 8.42 3.38
C GLU B 183 31.68 8.89 2.32
N GLU B 184 31.79 8.34 1.12
CA GLU B 184 30.96 8.80 0.00
C GLU B 184 29.47 8.65 0.31
N ILE B 185 29.10 7.59 1.03
CA ILE B 185 27.70 7.38 1.37
C ILE B 185 27.22 8.43 2.37
N ALA B 186 28.06 8.77 3.35
CA ALA B 186 27.69 9.78 4.33
C ALA B 186 27.52 11.15 3.68
N ASP B 187 28.33 11.46 2.67
CA ASP B 187 28.17 12.73 1.96
C ASP B 187 26.91 12.72 1.11
N TYR B 188 26.57 11.56 0.53
CA TYR B 188 25.37 11.46 -0.29
C TYR B 188 24.10 11.60 0.55
N LEU B 189 24.12 11.02 1.75
CA LEU B 189 22.95 11.05 2.63
C LEU B 189 22.92 12.27 3.54
N ASP B 190 23.94 13.13 3.49
CA ASP B 190 24.01 14.36 4.29
C ASP B 190 23.96 14.04 5.78
N ILE B 191 24.83 13.12 6.22
CA ILE B 191 24.99 12.76 7.61
C ILE B 191 26.47 12.57 7.90
N THR B 192 26.83 12.69 9.18
CA THR B 192 28.20 12.47 9.59
C THR B 192 28.53 10.99 9.53
N ARG B 193 29.79 10.69 9.23
CA ARG B 193 30.22 9.30 9.12
C ARG B 193 29.99 8.49 10.40
N PRO B 194 30.23 9.02 11.61
CA PRO B 194 29.84 8.24 12.79
C PRO B 194 28.35 8.00 12.90
N SER B 195 27.52 8.97 12.52
CA SER B 195 26.07 8.79 12.59
C SER B 195 25.62 7.69 11.64
N LEU B 196 26.23 7.61 10.46
CA LEU B 196 25.88 6.57 9.50
C LEU B 196 26.27 5.19 10.03
N SER B 197 27.47 5.07 10.60
CA SER B 197 27.94 3.77 11.06
C SER B 197 27.21 3.30 12.32
N ARG B 198 26.72 4.25 13.12
CA ARG B 198 25.90 3.88 14.27
C ARG B 198 24.65 3.15 13.82
N GLU B 199 23.95 3.71 12.84
CA GLU B 199 22.68 3.13 12.43
C GLU B 199 22.88 1.80 11.73
N LEU B 200 23.95 1.68 10.93
CA LEU B 200 24.27 0.40 10.31
C LEU B 200 24.58 -0.66 11.36
N GLY B 201 25.12 -0.26 12.50
CA GLY B 201 25.35 -1.19 13.58
C GLY B 201 24.08 -1.53 14.33
N ARG B 202 23.22 -0.52 14.53
CA ARG B 202 21.91 -0.77 15.13
C ARG B 202 21.08 -1.70 14.26
N GLN B 204 22.33 -3.94 12.46
CA GLN B 204 23.01 -5.23 12.49
C GLN B 204 22.67 -6.03 13.74
N LYS B 205 22.54 -5.36 14.89
CA LYS B 205 22.16 -6.08 16.11
C LYS B 205 20.80 -6.72 15.94
N GLU B 206 19.80 -5.92 15.62
CA GLU B 206 18.42 -6.29 15.44
C GLU B 206 18.22 -7.29 14.32
N ASN B 207 19.30 -7.83 13.75
CA ASN B 207 19.25 -8.87 12.72
C ASN B 207 18.41 -8.43 11.52
N ILE B 208 18.45 -7.13 11.21
CA ILE B 208 17.81 -6.62 10.00
C ILE B 208 18.68 -6.91 8.79
N ILE B 209 19.97 -6.59 8.87
CA ILE B 209 20.91 -6.78 7.79
C ILE B 209 22.17 -7.44 8.34
N ARG B 210 23.09 -7.76 7.43
CA ARG B 210 24.42 -8.24 7.82
C ARG B 210 25.38 -7.87 6.71
N ILE B 211 26.39 -7.08 7.03
CA ILE B 211 27.33 -6.55 6.05
C ILE B 211 28.52 -7.51 5.98
N GLU B 212 28.62 -8.24 4.87
CA GLU B 212 29.73 -9.16 4.64
C GLU B 212 30.64 -8.54 3.58
N GLY B 213 31.43 -7.56 4.01
CA GLY B 213 32.31 -6.84 3.10
C GLY B 213 31.55 -5.84 2.25
N SER B 214 31.52 -6.08 0.94
CA SER B 214 30.79 -5.22 0.02
C SER B 214 29.36 -5.69 -0.22
N SER B 215 28.97 -6.84 0.32
CA SER B 215 27.64 -7.39 0.16
C SER B 215 26.85 -7.22 1.45
N VAL B 216 25.64 -6.68 1.33
CA VAL B 216 24.73 -6.52 2.46
C VAL B 216 23.49 -7.38 2.19
N ILE B 217 23.20 -8.30 3.10
CA ILE B 217 22.07 -9.20 2.96
C ILE B 217 20.91 -8.66 3.78
N ILE B 218 19.74 -8.56 3.15
CA ILE B 218 18.52 -8.16 3.85
C ILE B 218 17.94 -9.43 4.49
N LEU B 219 18.21 -9.61 5.78
CA LEU B 219 17.77 -10.84 6.45
C LEU B 219 16.26 -10.87 6.62
N ASP B 220 15.65 -9.73 6.92
CA ASP B 220 14.21 -9.63 7.11
C ASP B 220 13.67 -8.57 6.16
N ALA B 221 12.98 -9.01 5.11
CA ALA B 221 12.51 -8.10 4.07
C ALA B 221 11.23 -7.37 4.45
N ILE B 222 10.63 -7.67 5.60
CA ILE B 222 9.35 -7.05 5.97
C ILE B 222 9.57 -5.76 6.75
N ILE B 223 10.42 -5.79 7.79
CA ILE B 223 10.73 -4.57 8.52
C ILE B 223 11.64 -3.64 7.74
N PHE B 224 12.25 -4.13 6.65
CA PHE B 224 13.10 -3.29 5.83
C PHE B 224 12.27 -2.36 4.95
N ASP B 225 11.21 -2.89 4.33
CA ASP B 225 10.35 -2.07 3.50
C ASP B 225 9.59 -1.02 4.31
N THR B 226 9.42 -1.23 5.62
CA THR B 226 8.73 -0.25 6.45
C THR B 226 9.54 1.02 6.64
N PHE B 227 10.80 1.04 6.19
CA PHE B 227 11.62 2.24 6.23
C PHE B 227 11.61 3.02 4.92
N ILE B 228 11.01 2.47 3.87
CA ILE B 228 10.99 3.11 2.56
C ILE B 228 9.86 4.12 2.48
#